data_6OBY
#
_entry.id   6OBY
#
_cell.length_a   51.440
_cell.length_b   67.682
_cell.length_c   79.403
_cell.angle_alpha   90.00
_cell.angle_beta   90.09
_cell.angle_gamma   90.00
#
_symmetry.space_group_name_H-M   'P 1 21 1'
#
loop_
_entity.id
_entity.type
_entity.pdbx_description
1 polymer 'Iron-sulfur cluster carrier protein'
2 non-polymer "ADENOSINE-5'-DIPHOSPHATE"
3 non-polymer 'COBALT (II) ION'
4 water water
#
_entity_poly.entity_id   1
_entity_poly.type   'polypeptide(L)'
_entity_poly.pdbx_seq_one_letter_code
;(MSE)QKRVTDEDIKERLDKIGFRIAV(MSE)SGKGGVGKSTVTALLAVHYAKQGKKVGILDADFLGPSIPHLFGLEKGK
VAVSDEGLEPVLTQRLGIKV(MSE)SIQFLLPKRETPVIWRGPLIAG(MSE)IREFLGRVAWGELDYLLIDLPPGTGDAP
LTV(MSE)QDAKPNGAVIVSTPQELTAAVVEKAIT(MSE)AEQTKTAVLGIVEN(MSE)AYFECPNCGERTYLFGEGKAS
ELARKYKIEFITEIPIDSDLLKLSDLGRVEEYEPDWFEFFPYLEHHHHHH
;
_entity_poly.pdbx_strand_id   A,B
#
loop_
_chem_comp.id
_chem_comp.type
_chem_comp.name
_chem_comp.formula
ADP non-polymer ADENOSINE-5'-DIPHOSPHATE 'C10 H15 N5 O10 P2'
CO non-polymer 'COBALT (II) ION' 'Co 2'
#
# COMPACT_ATOMS: atom_id res chain seq x y z
N ARG A 4 1.24 9.57 -32.33
CA ARG A 4 1.45 10.21 -33.65
C ARG A 4 2.32 11.48 -33.50
N VAL A 5 2.19 12.17 -32.37
CA VAL A 5 2.92 13.42 -31.99
C VAL A 5 4.44 13.28 -32.19
N THR A 6 5.07 14.23 -32.91
CA THR A 6 6.53 14.22 -33.20
C THR A 6 7.32 14.73 -32.00
N ASP A 7 8.57 14.29 -31.89
CA ASP A 7 9.52 14.62 -30.80
C ASP A 7 9.80 16.13 -30.78
N GLU A 8 9.90 16.77 -31.96
CA GLU A 8 10.10 18.23 -32.07
C GLU A 8 8.78 18.96 -31.79
N ASP A 9 7.66 18.22 -31.83
CA ASP A 9 6.29 18.76 -31.65
C ASP A 9 6.05 19.15 -30.18
N ILE A 10 6.39 18.24 -29.26
CA ILE A 10 6.30 18.44 -27.79
C ILE A 10 7.07 19.71 -27.42
N LYS A 11 8.22 19.94 -28.05
CA LYS A 11 9.14 21.08 -27.74
C LYS A 11 8.34 22.39 -27.66
N GLU A 12 7.51 22.66 -28.67
CA GLU A 12 6.65 23.89 -28.79
C GLU A 12 5.73 23.99 -27.57
N ARG A 13 5.25 22.85 -27.08
CA ARG A 13 4.32 22.77 -25.92
C ARG A 13 5.09 23.06 -24.62
N LEU A 14 6.16 22.31 -24.38
CA LEU A 14 6.95 22.42 -23.13
C LEU A 14 7.65 23.78 -23.09
N ASP A 15 7.88 24.41 -24.23
CA ASP A 15 8.47 25.77 -24.31
C ASP A 15 7.57 26.74 -23.53
N LYS A 16 6.26 26.46 -23.46
CA LYS A 16 5.27 27.28 -22.71
C LYS A 16 5.32 26.99 -21.20
N ILE A 17 6.06 25.96 -20.78
CA ILE A 17 6.04 25.42 -19.39
C ILE A 17 7.37 25.72 -18.67
N GLY A 18 7.29 26.51 -17.59
CA GLY A 18 8.46 27.08 -16.89
C GLY A 18 9.42 26.04 -16.34
N PHE A 19 8.90 24.89 -15.85
CA PHE A 19 9.66 23.82 -15.13
C PHE A 19 8.82 22.55 -14.97
N ARG A 20 9.41 21.42 -15.36
CA ARG A 20 8.83 20.05 -15.26
C ARG A 20 9.40 19.34 -14.04
N ILE A 21 8.58 19.13 -13.00
CA ILE A 21 8.91 18.29 -11.82
C ILE A 21 8.23 16.94 -12.00
N ALA A 22 8.95 15.85 -11.75
CA ALA A 22 8.39 14.48 -11.67
C ALA A 22 8.38 14.03 -10.21
N VAL A 23 7.32 13.35 -9.77
CA VAL A 23 7.21 12.81 -8.38
C VAL A 23 7.23 11.28 -8.48
N MSE A 24 8.11 10.65 -7.67
CA MSE A 24 8.45 9.24 -7.79
C MSE A 24 8.58 8.59 -6.41
O MSE A 24 8.73 9.28 -5.41
CB MSE A 24 9.76 9.10 -8.58
CG MSE A 24 10.98 9.70 -7.89
SE MSE A 24 12.61 9.21 -8.89
CE MSE A 24 13.44 10.87 -9.54
N SER A 25 8.56 7.26 -6.37
CA SER A 25 8.41 6.52 -5.13
C SER A 25 9.15 5.18 -5.19
N GLY A 26 9.58 4.67 -4.03
CA GLY A 26 10.09 3.29 -3.91
C GLY A 26 9.01 2.28 -4.22
N LYS A 27 7.77 2.55 -3.82
CA LYS A 27 6.63 1.63 -4.05
C LYS A 27 5.30 2.35 -3.82
N GLY A 28 4.19 1.61 -4.01
CA GLY A 28 2.83 2.11 -3.83
C GLY A 28 2.51 2.35 -2.36
N GLY A 29 1.51 3.19 -2.09
CA GLY A 29 0.92 3.37 -0.76
C GLY A 29 1.76 4.25 0.14
N VAL A 30 2.75 4.95 -0.42
CA VAL A 30 3.66 5.86 0.34
C VAL A 30 3.17 7.31 0.20
N GLY A 31 2.08 7.54 -0.56
CA GLY A 31 1.47 8.88 -0.69
C GLY A 31 2.13 9.75 -1.75
N LYS A 32 2.60 9.15 -2.84
CA LYS A 32 3.26 9.83 -3.99
C LYS A 32 2.27 10.82 -4.64
N SER A 33 1.04 10.35 -4.86
CA SER A 33 -0.01 11.09 -5.59
C SER A 33 -0.50 12.21 -4.68
N THR A 34 -0.60 11.94 -3.39
CA THR A 34 -1.03 12.91 -2.34
C THR A 34 -0.02 14.06 -2.29
N VAL A 35 1.27 13.72 -2.17
CA VAL A 35 2.38 14.72 -2.21
C VAL A 35 2.25 15.50 -3.52
N THR A 36 2.20 14.82 -4.67
CA THR A 36 2.08 15.50 -5.99
C THR A 36 1.05 16.60 -5.83
N ALA A 37 -0.14 16.23 -5.36
CA ALA A 37 -1.32 17.10 -5.20
C ALA A 37 -0.99 18.29 -4.29
N LEU A 38 -0.27 18.05 -3.20
CA LEU A 38 0.06 19.07 -2.16
C LEU A 38 1.08 20.09 -2.70
N LEU A 39 1.92 19.65 -3.64
CA LEU A 39 2.94 20.50 -4.29
C LEU A 39 2.23 21.38 -5.33
N ALA A 40 1.34 20.77 -6.11
CA ALA A 40 0.40 21.52 -6.99
C ALA A 40 -0.30 22.62 -6.17
N VAL A 41 -0.76 22.31 -4.96
CA VAL A 41 -1.58 23.24 -4.14
C VAL A 41 -0.70 24.36 -3.59
N HIS A 42 0.49 23.99 -3.11
CA HIS A 42 1.59 24.91 -2.70
C HIS A 42 1.83 25.98 -3.77
N TYR A 43 2.07 25.55 -5.01
CA TYR A 43 2.40 26.43 -6.16
C TYR A 43 1.20 27.30 -6.56
N ALA A 44 0.02 26.70 -6.70
CA ALA A 44 -1.22 27.44 -7.09
C ALA A 44 -1.41 28.59 -6.10
N LYS A 45 -1.43 28.27 -4.81
CA LYS A 45 -1.72 29.24 -3.72
C LYS A 45 -0.67 30.33 -3.69
N GLN A 46 0.53 30.08 -4.22
CA GLN A 46 1.59 31.11 -4.33
C GLN A 46 1.38 32.02 -5.56
N GLY A 47 0.27 31.82 -6.27
CA GLY A 47 -0.09 32.61 -7.46
C GLY A 47 0.32 31.92 -8.75
N LYS A 48 0.92 30.73 -8.69
CA LYS A 48 1.53 30.14 -9.90
C LYS A 48 0.45 29.37 -10.67
N LYS A 49 0.59 29.31 -12.01
CA LYS A 49 -0.21 28.45 -12.91
C LYS A 49 0.43 27.07 -12.92
N VAL A 50 -0.33 26.02 -12.59
CA VAL A 50 0.19 24.64 -12.33
C VAL A 50 -0.57 23.64 -13.19
N GLY A 51 0.13 22.66 -13.75
CA GLY A 51 -0.49 21.49 -14.41
C GLY A 51 -0.09 20.22 -13.69
N ILE A 52 -0.99 19.24 -13.60
CA ILE A 52 -0.66 17.86 -13.13
C ILE A 52 -0.95 16.90 -14.28
N LEU A 53 0.07 16.13 -14.68
CA LEU A 53 -0.09 14.95 -15.56
C LEU A 53 -0.09 13.70 -14.67
N ASP A 54 -1.25 13.02 -14.59
CA ASP A 54 -1.39 11.71 -13.90
C ASP A 54 -0.90 10.60 -14.83
N ALA A 55 0.38 10.23 -14.67
CA ALA A 55 1.06 9.12 -15.37
C ALA A 55 0.81 7.77 -14.65
N ASP A 56 0.01 7.75 -13.57
CA ASP A 56 -0.20 6.55 -12.72
C ASP A 56 -1.49 5.87 -13.16
N PHE A 57 -1.38 5.01 -14.19
CA PHE A 57 -2.50 4.25 -14.79
C PHE A 57 -2.92 3.12 -13.84
N LEU A 58 -1.92 2.50 -13.18
CA LEU A 58 -2.08 1.49 -12.09
C LEU A 58 -3.32 1.82 -11.26
N GLY A 59 -3.30 2.97 -10.57
CA GLY A 59 -4.29 3.34 -9.54
C GLY A 59 -4.43 4.85 -9.44
N PRO A 60 -5.09 5.49 -10.42
CA PRO A 60 -5.06 6.95 -10.54
C PRO A 60 -5.78 7.69 -9.40
N SER A 61 -5.02 8.00 -8.34
CA SER A 61 -5.45 8.74 -7.13
C SER A 61 -5.76 10.20 -7.47
N ILE A 62 -5.08 10.78 -8.47
CA ILE A 62 -5.05 12.26 -8.66
C ILE A 62 -6.49 12.77 -8.80
N PRO A 63 -7.27 12.40 -9.87
CA PRO A 63 -8.60 12.99 -10.06
C PRO A 63 -9.46 12.94 -8.79
N HIS A 64 -9.46 11.81 -8.09
CA HIS A 64 -10.23 11.61 -6.85
C HIS A 64 -9.90 12.69 -5.79
N LEU A 65 -8.62 13.02 -5.63
CA LEU A 65 -8.06 13.97 -4.62
C LEU A 65 -8.61 15.39 -4.81
N PHE A 66 -8.95 15.74 -6.06
CA PHE A 66 -9.52 17.05 -6.46
C PHE A 66 -11.02 16.92 -6.74
N GLY A 67 -11.64 15.80 -6.36
CA GLY A 67 -13.04 15.49 -6.71
C GLY A 67 -13.32 15.74 -8.18
N LEU A 68 -12.55 15.12 -9.07
CA LEU A 68 -12.68 15.26 -10.54
C LEU A 68 -13.10 13.94 -11.18
N GLU A 69 -14.15 13.29 -10.64
CA GLU A 69 -14.79 12.08 -11.22
C GLU A 69 -15.70 12.50 -12.38
N LYS A 70 -16.03 13.79 -12.49
CA LYS A 70 -16.55 14.46 -13.72
C LYS A 70 -15.55 14.29 -14.87
N GLY A 71 -14.98 13.10 -15.04
CA GLY A 71 -13.84 12.92 -15.95
C GLY A 71 -14.28 13.02 -17.38
N LYS A 72 -14.28 14.24 -17.93
CA LYS A 72 -14.67 14.49 -19.35
C LYS A 72 -13.71 15.54 -19.93
N VAL A 73 -12.85 15.08 -20.84
CA VAL A 73 -12.00 15.94 -21.70
C VAL A 73 -12.88 16.49 -22.82
N ALA A 74 -12.55 17.68 -23.31
CA ALA A 74 -13.13 18.33 -24.51
C ALA A 74 -11.96 18.80 -25.40
N VAL A 75 -12.17 18.89 -26.71
CA VAL A 75 -11.11 19.24 -27.72
C VAL A 75 -11.37 20.65 -28.28
N SER A 76 -10.31 21.45 -28.42
CA SER A 76 -10.34 22.84 -28.95
C SER A 76 -9.24 23.02 -30.01
N ASP A 77 -9.11 24.21 -30.59
CA ASP A 77 -7.94 24.62 -31.42
C ASP A 77 -6.67 24.09 -30.75
N GLU A 78 -6.50 24.45 -29.47
CA GLU A 78 -5.27 24.19 -28.67
C GLU A 78 -5.12 22.67 -28.43
N GLY A 79 -6.23 21.92 -28.47
CA GLY A 79 -6.23 20.45 -28.36
C GLY A 79 -7.03 19.99 -27.16
N LEU A 80 -6.62 18.88 -26.53
CA LEU A 80 -7.28 18.25 -25.35
C LEU A 80 -7.19 19.22 -24.17
N GLU A 81 -8.32 19.84 -23.86
CA GLU A 81 -8.48 20.81 -22.75
C GLU A 81 -8.39 20.01 -21.45
N PRO A 82 -7.38 20.29 -20.58
CA PRO A 82 -7.38 19.74 -19.23
C PRO A 82 -8.55 20.25 -18.39
N VAL A 83 -9.10 19.38 -17.53
CA VAL A 83 -10.17 19.77 -16.56
C VAL A 83 -9.50 20.50 -15.40
N LEU A 84 -10.05 21.66 -15.06
CA LEU A 84 -9.53 22.54 -13.98
C LEU A 84 -10.11 22.11 -12.64
N THR A 85 -9.32 22.20 -11.57
CA THR A 85 -9.77 22.12 -10.17
C THR A 85 -10.51 23.43 -9.84
N GLN A 86 -11.68 23.31 -9.20
CA GLN A 86 -12.64 24.43 -9.08
C GLN A 86 -12.07 25.52 -8.17
N ARG A 87 -11.34 25.18 -7.11
CA ARG A 87 -10.90 26.20 -6.14
C ARG A 87 -9.70 26.96 -6.74
N LEU A 88 -8.64 26.28 -7.17
CA LEU A 88 -7.34 26.93 -7.48
C LEU A 88 -7.01 26.92 -8.98
N GLY A 89 -7.85 26.34 -9.84
CA GLY A 89 -7.66 26.40 -11.31
C GLY A 89 -6.51 25.56 -11.83
N ILE A 90 -6.01 24.59 -11.06
CA ILE A 90 -4.92 23.68 -11.50
C ILE A 90 -5.41 22.84 -12.68
N LYS A 91 -4.61 22.68 -13.73
CA LYS A 91 -5.03 21.93 -14.94
C LYS A 91 -4.65 20.46 -14.76
N VAL A 92 -5.55 19.50 -15.02
CA VAL A 92 -5.24 18.06 -14.78
C VAL A 92 -5.50 17.19 -16.02
N MSE A 93 -4.61 16.22 -16.24
CA MSE A 93 -4.81 15.26 -17.30
C MSE A 93 -4.57 13.85 -16.76
O MSE A 93 -3.54 13.60 -16.13
CB MSE A 93 -3.86 15.56 -18.46
CG MSE A 93 -4.15 14.75 -19.70
SE MSE A 93 -6.06 14.59 -20.15
CE MSE A 93 -6.68 16.35 -20.82
N SER A 94 -5.53 12.96 -17.00
CA SER A 94 -5.51 11.60 -16.48
C SER A 94 -6.23 10.67 -17.47
N ILE A 95 -5.66 9.49 -17.76
CA ILE A 95 -6.38 8.41 -18.51
C ILE A 95 -7.80 8.27 -17.93
N GLN A 96 -7.93 8.49 -16.62
CA GLN A 96 -9.22 8.48 -15.89
C GLN A 96 -10.34 9.11 -16.73
N PHE A 97 -10.03 10.16 -17.51
CA PHE A 97 -11.04 10.90 -18.31
C PHE A 97 -11.33 10.18 -19.64
N LEU A 98 -11.23 8.84 -19.69
CA LEU A 98 -11.68 7.97 -20.82
C LEU A 98 -12.20 6.61 -20.29
N LEU A 99 -13.49 6.52 -19.94
CA LEU A 99 -14.14 5.24 -19.52
C LEU A 99 -14.93 4.65 -20.69
N LEU A 112 3.44 0.81 -25.17
CA LEU A 112 2.01 1.18 -25.35
C LEU A 112 1.81 2.58 -24.77
N ILE A 113 1.68 2.68 -23.45
CA ILE A 113 1.53 3.96 -22.70
C ILE A 113 2.80 4.81 -22.90
N ALA A 114 3.88 4.19 -23.40
CA ALA A 114 5.03 4.86 -24.05
C ALA A 114 4.51 6.08 -24.83
N GLY A 115 3.52 5.86 -25.71
CA GLY A 115 2.92 6.87 -26.62
C GLY A 115 1.79 7.66 -25.98
N MSE A 116 1.14 7.08 -24.96
CA MSE A 116 0.13 7.76 -24.17
C MSE A 116 0.68 9.03 -23.52
O MSE A 116 0.04 10.07 -23.53
CB MSE A 116 -0.33 6.84 -23.04
CG MSE A 116 -1.52 7.36 -22.28
SE MSE A 116 -3.05 7.09 -23.46
CE MSE A 116 -3.16 5.20 -23.99
N ILE A 117 1.87 8.90 -22.88
CA ILE A 117 2.50 10.05 -22.27
C ILE A 117 2.85 11.06 -23.35
N ARG A 118 3.27 10.58 -24.52
CA ARG A 118 3.67 11.42 -25.68
C ARG A 118 2.46 12.27 -26.13
N GLU A 119 1.25 11.69 -26.09
CA GLU A 119 -0.04 12.39 -26.36
C GLU A 119 -0.28 13.43 -25.26
N PHE A 120 -0.26 13.01 -23.99
CA PHE A 120 -0.45 13.91 -22.82
C PHE A 120 0.46 15.13 -22.93
N LEU A 121 1.72 14.96 -23.35
CA LEU A 121 2.70 16.07 -23.53
C LEU A 121 2.46 16.80 -24.86
N GLY A 122 1.84 16.09 -25.83
CA GLY A 122 1.60 16.60 -27.20
C GLY A 122 0.25 17.26 -27.33
N ARG A 123 -0.84 16.48 -27.35
CA ARG A 123 -2.21 16.87 -27.74
C ARG A 123 -2.92 17.73 -26.69
N VAL A 124 -2.44 17.78 -25.44
CA VAL A 124 -3.11 18.54 -24.35
C VAL A 124 -2.71 20.03 -24.46
N ALA A 125 -3.69 20.91 -24.32
CA ALA A 125 -3.50 22.38 -24.24
C ALA A 125 -3.14 22.80 -22.81
N TRP A 126 -1.86 22.62 -22.44
CA TRP A 126 -1.35 23.02 -21.08
C TRP A 126 -1.34 24.54 -21.00
N GLY A 127 -1.35 25.24 -22.13
CA GLY A 127 -1.10 26.69 -22.21
C GLY A 127 0.23 27.10 -21.58
N GLU A 128 0.38 28.37 -21.25
CA GLU A 128 1.55 28.88 -20.47
C GLU A 128 1.30 28.55 -18.99
N LEU A 129 2.09 27.64 -18.41
CA LEU A 129 2.11 27.47 -16.94
C LEU A 129 3.55 27.33 -16.41
N ASP A 130 3.74 27.72 -15.15
CA ASP A 130 5.06 27.81 -14.46
C ASP A 130 5.61 26.41 -14.17
N TYR A 131 4.76 25.50 -13.71
CA TYR A 131 5.16 24.14 -13.28
C TYR A 131 4.19 23.12 -13.88
N LEU A 132 4.75 22.05 -14.42
CA LEU A 132 4.03 20.80 -14.71
C LEU A 132 4.55 19.74 -13.74
N LEU A 133 3.67 19.19 -12.91
CA LEU A 133 3.95 18.11 -11.93
C LEU A 133 3.54 16.83 -12.63
N ILE A 134 4.42 15.84 -12.71
CA ILE A 134 4.07 14.51 -13.27
C ILE A 134 4.00 13.52 -12.11
N ASP A 135 2.79 13.01 -11.83
CA ASP A 135 2.62 11.89 -10.88
C ASP A 135 2.96 10.60 -11.62
N LEU A 136 4.20 10.12 -11.46
CA LEU A 136 4.75 8.90 -12.12
C LEU A 136 3.97 7.66 -11.68
N PRO A 137 4.13 6.53 -12.40
CA PRO A 137 3.80 5.22 -11.83
C PRO A 137 4.70 4.98 -10.62
N PRO A 138 4.31 4.11 -9.67
CA PRO A 138 5.12 3.88 -8.47
C PRO A 138 6.42 3.13 -8.77
N GLY A 139 7.38 3.20 -7.86
CA GLY A 139 8.57 2.34 -7.89
C GLY A 139 9.66 2.92 -8.75
N THR A 140 10.76 2.18 -8.90
CA THR A 140 11.99 2.56 -9.67
C THR A 140 12.15 1.60 -10.86
N GLY A 141 11.05 0.97 -11.32
CA GLY A 141 11.07 -0.05 -12.39
C GLY A 141 11.19 0.55 -13.78
N ASP A 142 10.87 -0.23 -14.81
CA ASP A 142 10.86 0.22 -16.23
C ASP A 142 9.69 1.17 -16.48
N ALA A 143 8.50 0.79 -16.00
CA ALA A 143 7.24 1.56 -16.09
C ALA A 143 7.55 3.03 -15.86
N PRO A 144 7.97 3.45 -14.64
CA PRO A 144 8.19 4.88 -14.35
C PRO A 144 9.42 5.48 -15.04
N LEU A 145 10.27 4.65 -15.66
CA LEU A 145 11.44 5.12 -16.45
C LEU A 145 10.98 5.50 -17.86
N THR A 146 10.05 4.74 -18.44
CA THR A 146 9.45 5.04 -19.78
C THR A 146 8.92 6.47 -19.80
N VAL A 147 8.33 6.91 -18.68
CA VAL A 147 7.67 8.25 -18.54
C VAL A 147 8.75 9.32 -18.47
N MSE A 148 9.89 8.99 -17.85
CA MSE A 148 11.01 9.89 -17.74
C MSE A 148 11.65 10.10 -19.11
O MSE A 148 12.20 11.16 -19.39
CB MSE A 148 12.04 9.34 -16.77
CG MSE A 148 11.48 8.99 -15.42
SE MSE A 148 11.98 10.30 -14.07
CE MSE A 148 13.94 10.38 -13.99
N GLN A 149 11.56 9.05 -19.95
CA GLN A 149 12.06 9.09 -21.32
C GLN A 149 11.46 10.29 -22.04
N ASP A 150 10.14 10.41 -21.96
CA ASP A 150 9.31 11.30 -22.81
C ASP A 150 9.12 12.64 -22.10
N ALA A 151 9.02 12.65 -20.76
CA ALA A 151 8.81 13.88 -19.95
C ALA A 151 10.13 14.60 -19.66
N LYS A 152 11.26 13.89 -19.65
CA LYS A 152 12.61 14.46 -19.39
C LYS A 152 12.51 15.62 -18.39
N PRO A 153 12.14 15.37 -17.12
CA PRO A 153 11.93 16.45 -16.16
C PRO A 153 13.21 17.19 -15.75
N ASN A 154 13.03 18.43 -15.35
CA ASN A 154 14.11 19.32 -14.87
C ASN A 154 14.42 18.91 -13.43
N GLY A 155 13.36 18.64 -12.68
CA GLY A 155 13.46 18.24 -11.28
C GLY A 155 12.63 17.02 -11.03
N ALA A 156 12.97 16.30 -9.97
CA ALA A 156 12.19 15.14 -9.48
C ALA A 156 12.26 15.10 -7.96
N VAL A 157 11.24 14.51 -7.34
CA VAL A 157 11.07 14.54 -5.88
C VAL A 157 10.78 13.11 -5.43
N ILE A 158 11.52 12.63 -4.45
CA ILE A 158 11.32 11.24 -3.92
C ILE A 158 10.30 11.33 -2.78
N VAL A 159 9.29 10.48 -2.86
CA VAL A 159 8.27 10.28 -1.81
C VAL A 159 8.51 8.90 -1.21
N SER A 160 8.65 8.83 0.11
CA SER A 160 8.75 7.53 0.81
C SER A 160 8.31 7.64 2.26
N THR A 161 7.77 6.54 2.77
CA THR A 161 7.52 6.31 4.20
C THR A 161 8.85 6.00 4.87
N PRO A 162 8.98 6.25 6.19
CA PRO A 162 10.20 5.92 6.92
C PRO A 162 10.57 4.45 6.63
N GLN A 163 9.69 3.54 7.00
CA GLN A 163 9.95 2.08 6.87
C GLN A 163 10.02 1.77 5.37
N GLU A 164 11.23 1.61 4.87
CA GLU A 164 11.56 1.56 3.42
C GLU A 164 11.82 2.98 2.92
N LEU A 165 12.94 3.55 3.36
CA LEU A 165 13.61 4.76 2.83
C LEU A 165 15.10 4.45 2.96
N THR A 166 15.60 3.56 2.09
CA THR A 166 16.98 3.02 2.09
C THR A 166 17.83 3.81 1.09
N ALA A 167 19.13 3.87 1.35
CA ALA A 167 20.15 4.32 0.39
C ALA A 167 19.95 3.57 -0.92
N ALA A 168 19.61 2.27 -0.87
CA ALA A 168 19.34 1.47 -2.08
C ALA A 168 18.36 2.27 -2.95
N VAL A 169 17.14 2.44 -2.44
CA VAL A 169 16.02 3.15 -3.12
C VAL A 169 16.54 4.50 -3.64
N VAL A 170 17.05 5.34 -2.73
CA VAL A 170 17.54 6.72 -3.04
C VAL A 170 18.56 6.68 -4.17
N GLU A 171 19.34 5.61 -4.30
CA GLU A 171 20.40 5.51 -5.32
C GLU A 171 19.78 5.03 -6.64
N LYS A 172 18.78 4.15 -6.59
CA LYS A 172 18.05 3.74 -7.83
C LYS A 172 17.33 4.97 -8.38
N ALA A 173 17.01 5.91 -7.48
CA ALA A 173 16.30 7.18 -7.79
C ALA A 173 17.25 8.18 -8.44
N ILE A 174 18.41 8.42 -7.80
CA ILE A 174 19.47 9.33 -8.34
C ILE A 174 19.97 8.78 -9.69
N THR A 175 20.09 7.45 -9.82
CA THR A 175 20.53 6.76 -11.05
C THR A 175 19.50 6.96 -12.15
N MSE A 176 18.22 6.70 -11.84
CA MSE A 176 17.12 6.91 -12.79
C MSE A 176 17.16 8.35 -13.34
O MSE A 176 17.15 8.57 -14.56
CB MSE A 176 15.77 6.67 -12.10
CG MSE A 176 15.16 5.29 -12.27
SE MSE A 176 13.17 5.39 -12.25
CE MSE A 176 12.50 7.15 -12.76
N ALA A 177 17.21 9.32 -12.41
CA ALA A 177 17.28 10.73 -12.75
C ALA A 177 18.48 11.04 -13.66
N GLU A 178 19.57 10.27 -13.59
CA GLU A 178 20.77 10.43 -14.48
C GLU A 178 20.35 10.24 -15.94
N GLN A 179 19.54 9.21 -16.19
CA GLN A 179 19.25 8.69 -17.55
C GLN A 179 18.53 9.75 -18.39
N THR A 180 17.96 10.79 -17.77
CA THR A 180 17.30 11.93 -18.46
C THR A 180 17.90 13.27 -18.02
N LYS A 181 18.97 13.24 -17.22
CA LYS A 181 19.62 14.44 -16.62
C LYS A 181 18.57 15.30 -15.92
N THR A 182 18.03 14.83 -14.79
CA THR A 182 17.07 15.58 -13.92
C THR A 182 17.66 15.73 -12.52
N ALA A 183 17.59 16.92 -11.93
CA ALA A 183 18.02 17.18 -10.54
C ALA A 183 17.04 16.48 -9.58
N VAL A 184 17.55 15.83 -8.54
CA VAL A 184 16.72 15.34 -7.40
C VAL A 184 16.58 16.49 -6.39
N LEU A 185 15.42 17.12 -6.38
CA LEU A 185 15.20 18.40 -5.67
C LEU A 185 14.96 18.14 -4.18
N GLY A 186 14.33 17.03 -3.84
CA GLY A 186 13.89 16.79 -2.47
C GLY A 186 13.55 15.36 -2.18
N ILE A 187 13.64 15.01 -0.88
CA ILE A 187 13.01 13.80 -0.29
C ILE A 187 11.87 14.27 0.62
N VAL A 188 10.74 13.56 0.49
CA VAL A 188 9.54 13.69 1.35
C VAL A 188 9.37 12.37 2.11
N GLU A 189 9.47 12.45 3.43
CA GLU A 189 9.22 11.37 4.42
C GLU A 189 7.73 11.44 4.78
N ASN A 190 6.86 10.68 4.11
CA ASN A 190 5.38 10.77 4.31
C ASN A 190 4.91 9.78 5.37
N MSE A 191 4.06 10.28 6.27
CA MSE A 191 3.59 9.48 7.39
C MSE A 191 4.79 9.09 8.24
O MSE A 191 5.10 7.92 8.41
CB MSE A 191 2.80 8.25 6.90
CG MSE A 191 1.52 8.61 6.19
SE MSE A 191 0.72 7.10 5.25
CE MSE A 191 1.36 6.82 3.41
N ALA A 192 5.48 10.11 8.73
CA ALA A 192 6.70 9.90 9.49
C ALA A 192 6.36 9.82 10.98
N TYR A 193 5.44 10.67 11.44
CA TYR A 193 5.06 10.77 12.86
C TYR A 193 3.54 10.98 12.98
N PHE A 194 3.09 11.18 14.22
CA PHE A 194 1.74 11.68 14.52
C PHE A 194 1.84 12.69 15.66
N GLU A 195 1.03 13.75 15.58
CA GLU A 195 0.89 14.83 16.60
C GLU A 195 -0.50 14.72 17.23
N CYS A 196 -0.57 14.21 18.46
CA CYS A 196 -1.80 14.15 19.29
C CYS A 196 -2.45 15.54 19.30
N PRO A 197 -3.72 15.67 18.86
CA PRO A 197 -4.40 16.97 18.83
C PRO A 197 -4.82 17.44 20.23
N ASN A 198 -4.86 16.51 21.18
CA ASN A 198 -5.17 16.80 22.60
C ASN A 198 -4.01 17.57 23.23
N CYS A 199 -2.79 17.03 23.17
CA CYS A 199 -1.61 17.49 23.95
C CYS A 199 -0.41 17.84 23.07
N GLY A 200 -0.58 17.82 21.75
CA GLY A 200 0.47 18.13 20.75
C GLY A 200 1.74 17.31 20.91
N GLU A 201 1.67 16.17 21.60
CA GLU A 201 2.79 15.21 21.67
C GLU A 201 3.01 14.63 20.26
N ARG A 202 4.27 14.43 19.85
CA ARG A 202 4.58 13.67 18.61
C ARG A 202 5.10 12.28 18.98
N THR A 203 4.67 11.30 18.21
CA THR A 203 5.14 9.90 18.31
C THR A 203 5.66 9.58 16.93
N TYR A 204 6.94 9.23 16.85
CA TYR A 204 7.70 9.07 15.59
C TYR A 204 7.65 7.59 15.19
N LEU A 205 7.18 7.30 13.98
CA LEU A 205 7.14 5.91 13.48
C LEU A 205 8.57 5.44 13.25
N PHE A 206 8.84 4.18 13.58
CA PHE A 206 10.15 3.49 13.43
C PHE A 206 10.72 3.73 12.02
N GLY A 207 11.97 4.20 11.98
CA GLY A 207 12.73 4.49 10.76
C GLY A 207 12.71 5.96 10.42
N GLU A 208 12.01 6.78 11.22
CA GLU A 208 11.79 8.20 10.86
C GLU A 208 13.07 8.99 11.20
N GLY A 209 13.42 9.96 10.35
CA GLY A 209 14.63 10.80 10.47
C GLY A 209 15.69 10.43 9.44
N LYS A 210 15.46 9.35 8.69
CA LYS A 210 16.36 8.83 7.62
C LYS A 210 16.42 9.81 6.44
N ALA A 211 15.33 10.49 6.10
CA ALA A 211 15.24 11.41 4.94
C ALA A 211 16.34 12.45 5.00
N SER A 212 16.52 13.05 6.18
CA SER A 212 17.48 14.15 6.44
C SER A 212 18.91 13.62 6.34
N GLU A 213 19.16 12.45 6.90
CA GLU A 213 20.49 11.79 6.89
C GLU A 213 20.86 11.45 5.45
N LEU A 214 19.96 10.82 4.69
CA LEU A 214 20.19 10.44 3.27
C LEU A 214 20.36 11.72 2.44
N ALA A 215 19.59 12.76 2.71
CA ALA A 215 19.70 14.04 1.97
C ALA A 215 21.10 14.64 2.19
N ARG A 216 21.50 14.81 3.45
CA ARG A 216 22.86 15.25 3.84
C ARG A 216 23.87 14.37 3.10
N LYS A 217 23.60 13.06 3.03
CA LYS A 217 24.53 12.01 2.50
C LYS A 217 24.75 12.17 1.00
N TYR A 218 23.66 12.32 0.22
CA TYR A 218 23.69 12.42 -1.27
C TYR A 218 23.52 13.87 -1.72
N LYS A 219 23.65 14.83 -0.79
CA LYS A 219 23.74 16.29 -1.08
C LYS A 219 22.44 16.79 -1.72
N ILE A 220 21.28 16.33 -1.24
CA ILE A 220 19.93 16.83 -1.63
C ILE A 220 19.54 17.96 -0.67
N GLU A 221 18.96 19.01 -1.24
CA GLU A 221 18.88 20.32 -0.56
C GLU A 221 17.56 20.43 0.21
N PHE A 222 16.51 19.73 -0.24
CA PHE A 222 15.19 19.79 0.42
C PHE A 222 14.78 18.44 1.01
N ILE A 223 14.45 18.50 2.30
CA ILE A 223 13.83 17.42 3.11
C ILE A 223 12.48 17.93 3.62
N THR A 224 11.47 17.05 3.75
CA THR A 224 10.25 17.37 4.55
C THR A 224 9.66 16.10 5.13
N GLU A 225 9.25 16.19 6.40
CA GLU A 225 8.58 15.08 7.10
C GLU A 225 7.09 15.42 7.29
N ILE A 226 6.23 14.76 6.52
CA ILE A 226 4.76 14.87 6.63
C ILE A 226 4.25 13.83 7.63
N PRO A 227 3.53 14.27 8.68
CA PRO A 227 2.90 13.34 9.61
C PRO A 227 1.70 12.63 9.00
N ILE A 228 1.23 11.55 9.66
CA ILE A 228 -0.09 10.91 9.39
C ILE A 228 -1.14 11.91 9.86
N ASP A 229 -1.89 12.48 8.92
CA ASP A 229 -2.87 13.56 9.20
C ASP A 229 -4.27 13.03 8.87
N SER A 230 -5.08 12.87 9.92
CA SER A 230 -6.52 12.50 9.83
C SER A 230 -7.24 13.46 8.86
N ASP A 231 -6.97 14.76 8.95
CA ASP A 231 -7.61 15.83 8.12
C ASP A 231 -7.21 15.64 6.65
N LEU A 232 -5.94 15.37 6.37
CA LEU A 232 -5.47 15.13 4.99
C LEU A 232 -6.16 13.90 4.42
N LEU A 233 -6.43 12.89 5.26
CA LEU A 233 -7.12 11.64 4.84
C LEU A 233 -8.60 11.97 4.54
N LYS A 234 -9.24 12.70 5.45
CA LYS A 234 -10.65 13.17 5.32
C LYS A 234 -10.80 13.84 3.95
N LEU A 235 -10.06 14.94 3.76
CA LEU A 235 -10.23 15.83 2.59
C LEU A 235 -9.73 15.13 1.34
N SER A 236 -8.73 14.26 1.43
CA SER A 236 -8.27 13.44 0.29
C SER A 236 -9.49 12.70 -0.24
N ASP A 237 -10.15 11.97 0.66
CA ASP A 237 -11.30 11.08 0.37
C ASP A 237 -12.43 11.93 -0.21
N LEU A 238 -12.84 12.98 0.51
CA LEU A 238 -13.91 13.92 0.07
C LEU A 238 -13.57 14.61 -1.26
N GLY A 239 -12.31 14.52 -1.74
CA GLY A 239 -11.79 15.21 -2.93
C GLY A 239 -11.74 16.73 -2.77
N ARG A 240 -11.48 17.20 -1.55
CA ARG A 240 -11.43 18.64 -1.19
C ARG A 240 -10.00 18.98 -0.79
N VAL A 241 -9.00 18.35 -1.44
CA VAL A 241 -7.56 18.46 -1.02
C VAL A 241 -7.07 19.91 -1.15
N GLU A 242 -7.60 20.68 -2.12
CA GLU A 242 -7.29 22.11 -2.37
C GLU A 242 -7.56 22.95 -1.10
N GLU A 243 -8.25 22.41 -0.10
CA GLU A 243 -8.64 23.18 1.12
C GLU A 243 -7.75 22.79 2.29
N TYR A 244 -6.82 21.87 2.06
CA TYR A 244 -5.84 21.43 3.08
C TYR A 244 -4.97 22.63 3.42
N GLU A 245 -5.01 23.07 4.67
CA GLU A 245 -4.36 24.33 5.14
C GLU A 245 -2.85 24.10 5.26
N PRO A 246 -2.36 23.04 5.96
CA PRO A 246 -0.93 22.93 6.24
C PRO A 246 -0.10 22.84 4.95
N ASP A 247 0.96 23.65 4.82
CA ASP A 247 1.91 23.59 3.67
C ASP A 247 3.22 22.97 4.13
N TRP A 248 3.40 21.66 3.85
CA TRP A 248 4.65 20.90 4.13
C TRP A 248 5.73 21.30 3.13
N PHE A 249 5.39 22.17 2.19
CA PHE A 249 6.34 22.76 1.23
C PHE A 249 6.56 24.24 1.55
N GLU A 250 6.17 24.73 2.74
CA GLU A 250 6.46 26.14 3.15
C GLU A 250 7.84 26.53 2.60
N PHE A 251 8.86 25.70 2.82
CA PHE A 251 10.28 26.02 2.51
C PHE A 251 10.77 25.23 1.29
N PHE A 252 9.93 24.84 0.33
CA PHE A 252 10.43 24.25 -0.95
C PHE A 252 11.23 25.31 -1.69
N PRO A 253 12.51 25.06 -2.03
CA PRO A 253 13.33 26.09 -2.67
C PRO A 253 12.78 26.67 -3.99
N TYR A 254 13.04 27.97 -4.23
CA TYR A 254 12.77 28.68 -5.51
C TYR A 254 13.34 27.82 -6.63
N LEU A 255 12.79 27.90 -7.84
CA LEU A 255 13.27 27.14 -9.03
C LEU A 255 12.98 27.97 -10.27
N GLU A 256 13.89 28.87 -10.65
CA GLU A 256 13.93 29.47 -12.01
C GLU A 256 12.96 28.70 -12.93
N HIS A 257 11.80 29.28 -13.25
CA HIS A 257 10.70 28.63 -14.05
C HIS A 257 10.20 29.56 -15.15
N HIS A 258 11.11 30.26 -15.85
CA HIS A 258 10.81 30.99 -17.11
C HIS A 258 10.79 29.97 -18.25
N ARG B 4 1.89 -32.37 -8.48
CA ARG B 4 2.03 -33.85 -8.61
C ARG B 4 1.33 -34.55 -7.44
N VAL B 5 0.32 -33.90 -6.80
CA VAL B 5 -0.35 -34.34 -5.53
C VAL B 5 -1.85 -34.58 -5.80
N THR B 6 -2.40 -35.73 -5.36
CA THR B 6 -3.82 -36.12 -5.59
C THR B 6 -4.75 -35.37 -4.65
N ASP B 7 -5.99 -35.14 -5.09
CA ASP B 7 -7.08 -34.48 -4.33
C ASP B 7 -7.40 -35.32 -3.09
N GLU B 8 -7.37 -36.66 -3.18
CA GLU B 8 -7.58 -37.58 -2.04
C GLU B 8 -6.36 -37.56 -1.12
N ASP B 9 -5.22 -37.09 -1.64
CA ASP B 9 -3.91 -37.13 -0.95
C ASP B 9 -3.86 -36.07 0.16
N ILE B 10 -4.28 -34.85 -0.17
CA ILE B 10 -4.37 -33.69 0.77
C ILE B 10 -5.25 -34.10 1.96
N LYS B 11 -6.32 -34.85 1.72
CA LYS B 11 -7.32 -35.26 2.74
C LYS B 11 -6.60 -35.79 3.98
N GLU B 12 -5.67 -36.74 3.79
CA GLU B 12 -4.87 -37.41 4.85
C GLU B 12 -4.09 -36.35 5.66
N ARG B 13 -3.63 -35.30 4.99
CA ARG B 13 -2.84 -34.21 5.60
C ARG B 13 -3.77 -33.31 6.45
N LEU B 14 -4.83 -32.79 5.82
CA LEU B 14 -5.76 -31.83 6.48
C LEU B 14 -6.53 -32.56 7.59
N ASP B 15 -6.65 -33.88 7.51
CA ASP B 15 -7.30 -34.70 8.56
C ASP B 15 -6.55 -34.47 9.88
N LYS B 16 -5.24 -34.17 9.82
CA LYS B 16 -4.39 -33.89 11.02
C LYS B 16 -4.61 -32.45 11.53
N ILE B 17 -5.34 -31.61 10.79
CA ILE B 17 -5.44 -30.15 11.03
C ILE B 17 -6.85 -29.76 11.51
N GLY B 18 -6.95 -29.24 12.74
CA GLY B 18 -8.22 -29.01 13.45
C GLY B 18 -9.16 -28.05 12.74
N PHE B 19 -8.64 -27.01 12.08
CA PHE B 19 -9.40 -25.89 11.47
C PHE B 19 -8.51 -25.02 10.56
N ARG B 20 -8.98 -24.81 9.33
CA ARG B 20 -8.32 -23.98 8.28
C ARG B 20 -8.99 -22.59 8.24
N ILE B 21 -8.28 -21.55 8.69
CA ILE B 21 -8.69 -20.13 8.55
C ILE B 21 -7.92 -19.54 7.38
N ALA B 22 -8.60 -18.79 6.51
CA ALA B 22 -7.97 -17.96 5.45
C ALA B 22 -8.09 -16.49 5.84
N VAL B 23 -7.04 -15.69 5.59
CA VAL B 23 -7.05 -14.22 5.84
C VAL B 23 -6.97 -13.52 4.49
N MSE B 24 -7.89 -12.56 4.28
CA MSE B 24 -8.15 -11.95 2.97
C MSE B 24 -8.37 -10.45 3.11
O MSE B 24 -8.66 -9.96 4.20
CB MSE B 24 -9.38 -12.63 2.34
CG MSE B 24 -10.67 -12.41 3.10
SE MSE B 24 -12.19 -13.25 2.22
CE MSE B 24 -12.88 -14.81 3.13
N SER B 25 -8.27 -9.72 2.00
CA SER B 25 -8.20 -8.28 2.00
C SER B 25 -8.85 -7.68 0.75
N GLY B 26 -9.37 -6.47 0.87
CA GLY B 26 -9.82 -5.67 -0.29
C GLY B 26 -8.65 -5.33 -1.19
N LYS B 27 -7.47 -5.08 -0.63
CA LYS B 27 -6.27 -4.72 -1.42
C LYS B 27 -5.01 -4.81 -0.55
N GLY B 28 -3.86 -4.54 -1.15
CA GLY B 28 -2.54 -4.54 -0.48
C GLY B 28 -2.41 -3.41 0.52
N GLY B 29 -1.50 -3.55 1.48
CA GLY B 29 -1.06 -2.46 2.37
C GLY B 29 -2.04 -2.19 3.48
N VAL B 30 -3.01 -3.09 3.69
CA VAL B 30 -4.05 -2.97 4.76
C VAL B 30 -3.63 -3.82 5.98
N GLY B 31 -2.49 -4.52 5.91
CA GLY B 31 -1.95 -5.29 7.05
C GLY B 31 -2.53 -6.69 7.18
N LYS B 32 -2.86 -7.33 6.06
CA LYS B 32 -3.42 -8.70 5.97
C LYS B 32 -2.43 -9.72 6.57
N SER B 33 -1.17 -9.59 6.18
CA SER B 33 -0.09 -10.53 6.57
C SER B 33 0.24 -10.30 8.04
N THR B 34 0.21 -9.05 8.49
CA THR B 34 0.49 -8.64 9.89
C THR B 34 -0.58 -9.24 10.80
N VAL B 35 -1.85 -9.03 10.44
CA VAL B 35 -3.01 -9.66 11.15
C VAL B 35 -2.79 -11.18 11.16
N THR B 36 -2.59 -11.81 9.99
CA THR B 36 -2.37 -13.28 9.90
C THR B 36 -1.42 -13.66 11.03
N ALA B 37 -0.26 -13.00 11.07
CA ALA B 37 0.85 -13.23 12.03
C ALA B 37 0.35 -13.10 13.47
N LEU B 38 -0.47 -12.09 13.75
CA LEU B 38 -0.96 -11.76 15.12
C LEU B 38 -1.98 -12.81 15.60
N LEU B 39 -2.68 -13.44 14.66
CA LEU B 39 -3.68 -14.50 14.94
C LEU B 39 -2.91 -15.79 15.22
N ALA B 40 -1.91 -16.09 14.39
CA ALA B 40 -0.94 -17.17 14.67
C ALA B 40 -0.38 -17.02 16.10
N VAL B 41 -0.04 -15.79 16.50
CA VAL B 41 0.64 -15.53 17.80
C VAL B 41 -0.37 -15.71 18.94
N HIS B 42 -1.58 -15.17 18.76
CA HIS B 42 -2.77 -15.37 19.64
C HIS B 42 -2.95 -16.86 19.97
N TYR B 43 -3.03 -17.70 18.94
CA TYR B 43 -3.30 -19.16 19.06
C TYR B 43 -2.13 -19.88 19.72
N ALA B 44 -0.90 -19.62 19.26
CA ALA B 44 0.32 -20.26 19.83
C ALA B 44 0.33 -20.00 21.34
N LYS B 45 0.23 -18.74 21.73
CA LYS B 45 0.35 -18.30 23.15
C LYS B 45 -0.76 -18.91 23.98
N GLN B 46 -1.88 -19.29 23.37
CA GLN B 46 -2.99 -19.99 24.07
C GLN B 46 -2.69 -21.49 24.22
N GLY B 47 -1.52 -21.94 23.80
CA GLY B 47 -1.09 -23.34 23.90
C GLY B 47 -1.31 -24.10 22.60
N LYS B 48 -1.85 -23.48 21.57
CA LYS B 48 -2.30 -24.23 20.36
C LYS B 48 -1.09 -24.42 19.44
N LYS B 49 -1.07 -25.51 18.69
CA LYS B 49 -0.13 -25.79 17.57
C LYS B 49 -0.70 -25.12 16.33
N VAL B 50 0.09 -24.25 15.69
CA VAL B 50 -0.36 -23.34 14.60
C VAL B 50 0.55 -23.50 13.39
N GLY B 51 -0.02 -23.51 12.19
CA GLY B 51 0.74 -23.41 10.94
C GLY B 51 0.34 -22.17 10.17
N ILE B 52 1.28 -21.52 9.48
CA ILE B 52 0.98 -20.42 8.51
C ILE B 52 1.45 -20.88 7.13
N LEU B 53 0.53 -20.91 6.16
CA LEU B 53 0.85 -21.03 4.73
C LEU B 53 0.82 -19.63 4.11
N ASP B 54 1.99 -19.13 3.70
CA ASP B 54 2.15 -17.85 2.95
C ASP B 54 1.82 -18.09 1.48
N ALA B 55 0.56 -17.83 1.12
CA ALA B 55 0.02 -17.87 -0.26
C ALA B 55 0.27 -16.54 -0.99
N ASP B 56 0.95 -15.58 -0.37
CA ASP B 56 1.14 -14.20 -0.93
C ASP B 56 2.50 -14.15 -1.60
N PHE B 57 2.55 -14.58 -2.86
CA PHE B 57 3.77 -14.63 -3.71
C PHE B 57 4.13 -13.20 -4.14
N LEU B 58 3.11 -12.37 -4.41
CA LEU B 58 3.20 -10.91 -4.69
C LEU B 58 4.34 -10.30 -3.85
N GLY B 59 4.18 -10.33 -2.52
CA GLY B 59 5.03 -9.58 -1.57
C GLY B 59 5.07 -10.28 -0.22
N PRO B 60 5.81 -11.41 -0.12
CA PRO B 60 5.70 -12.29 1.06
C PRO B 60 6.25 -11.65 2.35
N SER B 61 5.38 -10.96 3.08
CA SER B 61 5.65 -10.29 4.38
C SER B 61 5.90 -11.32 5.47
N ILE B 62 5.30 -12.51 5.37
CA ILE B 62 5.20 -13.45 6.54
C ILE B 62 6.61 -13.75 7.05
N PRO B 63 7.50 -14.43 6.28
CA PRO B 63 8.81 -14.83 6.81
C PRO B 63 9.54 -13.67 7.50
N HIS B 64 9.53 -12.48 6.90
CA HIS B 64 10.18 -11.27 7.46
C HIS B 64 9.69 -10.95 8.88
N LEU B 65 8.38 -11.07 9.11
CA LEU B 65 7.67 -10.74 10.38
C LEU B 65 8.16 -11.61 11.55
N PHE B 66 8.61 -12.82 11.24
CA PHE B 66 9.14 -13.80 12.21
C PHE B 66 10.68 -13.90 12.10
N GLY B 67 11.31 -12.95 11.40
CA GLY B 67 12.74 -13.00 11.08
C GLY B 67 13.16 -14.37 10.55
N LEU B 68 12.51 -14.85 9.49
CA LEU B 68 12.78 -16.18 8.88
C LEU B 68 13.33 -16.03 7.45
N GLU B 69 14.33 -15.17 7.25
CA GLU B 69 15.06 -15.02 5.96
C GLU B 69 16.07 -16.17 5.81
N LYS B 70 16.39 -16.85 6.91
CA LYS B 70 17.14 -18.15 6.91
C LYS B 70 16.29 -19.22 6.19
N GLY B 71 15.67 -18.88 5.06
CA GLY B 71 14.66 -19.74 4.44
C GLY B 71 14.94 -21.21 4.71
N LYS B 72 15.57 -21.86 3.74
CA LYS B 72 16.03 -23.29 3.74
C LYS B 72 14.94 -24.23 4.27
N VAL B 73 14.18 -24.82 3.34
CA VAL B 73 13.33 -26.03 3.62
C VAL B 73 14.26 -27.25 3.61
N ALA B 74 13.90 -28.27 4.37
CA ALA B 74 14.54 -29.61 4.41
C ALA B 74 13.45 -30.67 4.26
N VAL B 75 13.77 -31.83 3.67
CA VAL B 75 12.80 -32.91 3.32
C VAL B 75 13.04 -34.13 4.23
N SER B 76 11.96 -34.74 4.72
CA SER B 76 11.96 -35.91 5.63
C SER B 76 10.97 -36.97 5.10
N ASP B 77 10.81 -38.10 5.81
CA ASP B 77 9.71 -39.07 5.58
C ASP B 77 8.42 -38.30 5.34
N GLU B 78 8.09 -37.42 6.28
CA GLU B 78 6.81 -36.66 6.36
C GLU B 78 6.74 -35.68 5.19
N GLY B 79 7.89 -35.25 4.64
CA GLY B 79 7.96 -34.38 3.46
C GLY B 79 8.66 -33.08 3.78
N LEU B 80 8.27 -31.98 3.12
CA LEU B 80 8.82 -30.61 3.29
C LEU B 80 8.54 -30.13 4.71
N GLU B 81 9.59 -30.13 5.53
CA GLU B 81 9.56 -29.68 6.95
C GLU B 81 9.39 -28.17 6.93
N PRO B 82 8.29 -27.63 7.50
CA PRO B 82 8.17 -26.19 7.70
C PRO B 82 9.21 -25.66 8.70
N VAL B 83 9.70 -24.45 8.46
CA VAL B 83 10.64 -23.76 9.39
C VAL B 83 9.83 -23.20 10.55
N LEU B 84 10.26 -23.47 11.76
CA LEU B 84 9.61 -23.05 13.02
C LEU B 84 10.06 -21.65 13.40
N THR B 85 9.16 -20.83 13.94
CA THR B 85 9.46 -19.56 14.65
C THR B 85 10.10 -19.91 15.99
N GLN B 86 11.18 -19.24 16.35
CA GLN B 86 12.06 -19.68 17.48
C GLN B 86 11.34 -19.51 18.81
N ARG B 87 10.52 -18.48 18.98
CA ARG B 87 9.92 -18.21 20.31
C ARG B 87 8.75 -19.17 20.53
N LEU B 88 7.78 -19.25 19.61
CA LEU B 88 6.47 -19.94 19.86
C LEU B 88 6.31 -21.22 19.04
N GLY B 89 7.27 -21.60 18.20
CA GLY B 89 7.24 -22.90 17.46
C GLY B 89 6.19 -22.98 16.37
N ILE B 90 5.68 -21.85 15.88
CA ILE B 90 4.69 -21.81 14.77
C ILE B 90 5.36 -22.35 13.51
N LYS B 91 4.68 -23.21 12.75
CA LYS B 91 5.28 -23.82 11.53
C LYS B 91 4.95 -22.93 10.33
N VAL B 92 5.93 -22.59 9.47
CA VAL B 92 5.69 -21.64 8.34
C VAL B 92 6.13 -22.22 6.99
N MSE B 93 5.34 -21.95 5.96
CA MSE B 93 5.71 -22.35 4.61
C MSE B 93 5.49 -21.18 3.66
O MSE B 93 4.42 -20.59 3.65
CB MSE B 93 4.89 -23.56 4.16
CG MSE B 93 5.35 -24.18 2.86
SE MSE B 93 7.31 -24.38 2.77
CE MSE B 93 7.87 -25.84 3.93
N SER B 94 6.51 -20.86 2.85
CA SER B 94 6.52 -19.72 1.95
C SER B 94 7.40 -20.04 0.74
N ILE B 95 6.94 -19.72 -0.48
CA ILE B 95 7.79 -19.74 -1.71
C ILE B 95 9.13 -19.06 -1.37
N GLN B 96 9.12 -18.05 -0.50
CA GLN B 96 10.32 -17.35 0.01
C GLN B 96 11.47 -18.34 0.23
N PHE B 97 11.19 -19.57 0.68
CA PHE B 97 12.22 -20.59 1.01
C PHE B 97 12.67 -21.33 -0.26
N LEU B 98 12.68 -20.66 -1.43
CA LEU B 98 13.30 -21.13 -2.70
C LEU B 98 13.89 -19.94 -3.47
N LEU B 99 15.13 -19.53 -3.17
CA LEU B 99 15.88 -18.46 -3.90
C LEU B 99 16.87 -19.11 -4.87
N LEU B 112 -0.86 -21.99 -12.61
CA LEU B 112 0.56 -22.22 -12.25
C LEU B 112 0.62 -22.47 -10.74
N ILE B 113 0.60 -21.40 -9.95
CA ILE B 113 0.59 -21.44 -8.46
C ILE B 113 -0.69 -22.13 -7.97
N ALA B 114 -1.67 -22.30 -8.88
CA ALA B 114 -2.78 -23.27 -8.76
C ALA B 114 -2.24 -24.55 -8.10
N GLY B 115 -1.15 -25.11 -8.62
CA GLY B 115 -0.54 -26.38 -8.18
C GLY B 115 0.49 -26.19 -7.05
N MSE B 116 1.05 -24.98 -6.95
CA MSE B 116 1.93 -24.59 -5.85
C MSE B 116 1.24 -24.74 -4.49
O MSE B 116 1.83 -25.27 -3.55
CB MSE B 116 2.33 -23.12 -5.98
CG MSE B 116 3.40 -22.69 -5.03
SE MSE B 116 5.07 -23.41 -5.72
CE MSE B 116 5.35 -22.74 -7.55
N ILE B 117 0.02 -24.22 -4.40
CA ILE B 117 -0.75 -24.33 -3.17
C ILE B 117 -1.04 -25.81 -2.91
N ARG B 118 -1.30 -26.57 -3.97
CA ARG B 118 -1.62 -28.02 -3.90
C ARG B 118 -0.42 -28.77 -3.28
N GLU B 119 0.81 -28.37 -3.63
CA GLU B 119 2.08 -28.87 -3.03
C GLU B 119 2.14 -28.46 -1.56
N PHE B 120 2.01 -27.16 -1.26
CA PHE B 120 2.03 -26.63 0.13
C PHE B 120 1.05 -27.42 1.02
N LEU B 121 -0.14 -27.76 0.52
CA LEU B 121 -1.14 -28.56 1.27
C LEU B 121 -0.80 -30.05 1.22
N GLY B 122 -0.05 -30.48 0.20
CA GLY B 122 0.30 -31.89 -0.07
C GLY B 122 1.62 -32.27 0.58
N ARG B 123 2.74 -31.79 0.03
CA ARG B 123 4.13 -32.25 0.31
C ARG B 123 4.67 -31.75 1.66
N VAL B 124 4.05 -30.75 2.28
CA VAL B 124 4.56 -30.17 3.57
C VAL B 124 4.09 -31.06 4.72
N ALA B 125 4.98 -31.34 5.67
CA ALA B 125 4.69 -32.06 6.93
C ALA B 125 4.16 -31.07 7.99
N TRP B 126 2.88 -30.73 7.90
CA TRP B 126 2.21 -29.82 8.86
C TRP B 126 2.09 -30.55 10.22
N GLY B 127 2.19 -31.87 10.22
CA GLY B 127 1.87 -32.71 11.40
C GLY B 127 0.46 -32.46 11.92
N GLU B 128 0.21 -32.86 13.17
CA GLU B 128 -1.04 -32.53 13.89
C GLU B 128 -0.93 -31.07 14.38
N LEU B 129 -1.74 -30.16 13.82
CA LEU B 129 -1.91 -28.83 14.42
C LEU B 129 -3.40 -28.42 14.43
N ASP B 130 -3.76 -27.57 15.40
CA ASP B 130 -5.15 -27.11 15.70
C ASP B 130 -5.65 -26.17 14.59
N TYR B 131 -4.78 -25.26 14.14
CA TYR B 131 -5.14 -24.19 13.18
C TYR B 131 -4.06 -24.11 12.10
N LEU B 132 -4.50 -24.06 10.86
CA LEU B 132 -3.68 -23.60 9.73
C LEU B 132 -4.25 -22.25 9.27
N LEU B 133 -3.42 -21.21 9.33
CA LEU B 133 -3.74 -19.84 8.87
C LEU B 133 -3.18 -19.76 7.46
N ILE B 134 -3.99 -19.36 6.48
CA ILE B 134 -3.51 -19.10 5.09
C ILE B 134 -3.50 -17.59 4.89
N ASP B 135 -2.31 -17.02 4.71
CA ASP B 135 -2.16 -15.62 4.28
C ASP B 135 -2.36 -15.60 2.75
N LEU B 136 -3.58 -15.28 2.30
CA LEU B 136 -3.98 -15.24 0.86
C LEU B 136 -3.19 -14.16 0.12
N PRO B 137 -3.20 -14.21 -1.23
CA PRO B 137 -2.86 -13.03 -2.02
C PRO B 137 -3.87 -11.93 -1.70
N PRO B 138 -3.50 -10.64 -1.92
CA PRO B 138 -4.42 -9.54 -1.61
C PRO B 138 -5.63 -9.49 -2.56
N GLY B 139 -6.69 -8.80 -2.14
CA GLY B 139 -7.80 -8.43 -3.02
C GLY B 139 -8.84 -9.53 -3.11
N THR B 140 -9.85 -9.32 -3.93
CA THR B 140 -11.02 -10.24 -4.12
C THR B 140 -11.01 -10.75 -5.56
N GLY B 141 -9.83 -10.79 -6.20
CA GLY B 141 -9.67 -11.21 -7.61
C GLY B 141 -9.77 -12.71 -7.80
N ASP B 142 -9.35 -13.21 -8.96
CA ASP B 142 -9.23 -14.65 -9.28
C ASP B 142 -8.07 -15.26 -8.48
N ALA B 143 -6.92 -14.59 -8.48
CA ALA B 143 -5.69 -14.97 -7.75
C ALA B 143 -6.07 -15.57 -6.39
N PRO B 144 -6.63 -14.77 -5.44
CA PRO B 144 -6.93 -15.26 -4.10
C PRO B 144 -8.12 -16.24 -4.06
N LEU B 145 -8.88 -16.39 -5.16
CA LEU B 145 -9.99 -17.38 -5.26
C LEU B 145 -9.41 -18.75 -5.65
N THR B 146 -8.38 -18.80 -6.50
CA THR B 146 -7.67 -20.05 -6.87
C THR B 146 -7.20 -20.78 -5.62
N VAL B 147 -6.74 -20.03 -4.62
CA VAL B 147 -6.17 -20.55 -3.35
C VAL B 147 -7.30 -21.12 -2.50
N MSE B 148 -8.47 -20.49 -2.58
CA MSE B 148 -9.64 -20.95 -1.86
C MSE B 148 -10.15 -22.26 -2.46
O MSE B 148 -10.73 -23.08 -1.75
CB MSE B 148 -10.74 -19.89 -1.93
CG MSE B 148 -10.30 -18.53 -1.45
SE MSE B 148 -11.09 -18.22 0.31
CE MSE B 148 -11.57 -16.33 0.44
N GLN B 149 -9.94 -22.41 -3.77
CA GLN B 149 -10.30 -23.62 -4.49
C GLN B 149 -9.70 -24.83 -3.78
N ASP B 150 -8.39 -24.75 -3.52
CA ASP B 150 -7.53 -25.89 -3.11
C ASP B 150 -7.50 -25.97 -1.58
N ALA B 151 -7.52 -24.84 -0.87
CA ALA B 151 -7.44 -24.77 0.62
C ALA B 151 -8.83 -24.96 1.26
N LYS B 152 -9.91 -24.64 0.55
CA LYS B 152 -11.31 -24.80 1.02
C LYS B 152 -11.39 -24.54 2.53
N PRO B 153 -11.14 -23.31 3.00
CA PRO B 153 -11.10 -23.04 4.44
C PRO B 153 -12.46 -23.15 5.14
N ASN B 154 -12.40 -23.46 6.42
CA ASN B 154 -13.56 -23.58 7.32
C ASN B 154 -14.00 -22.18 7.68
N GLY B 155 -13.02 -21.33 7.94
CA GLY B 155 -13.26 -19.92 8.32
C GLY B 155 -12.39 -19.02 7.49
N ALA B 156 -12.79 -17.76 7.39
CA ALA B 156 -12.01 -16.70 6.73
C ALA B 156 -12.24 -15.38 7.44
N VAL B 157 -11.27 -14.48 7.38
CA VAL B 157 -11.28 -13.23 8.16
C VAL B 157 -10.94 -12.09 7.21
N ILE B 158 -11.75 -11.03 7.22
CA ILE B 158 -11.53 -9.85 6.34
C ILE B 158 -10.65 -8.86 7.11
N VAL B 159 -9.57 -8.44 6.46
CA VAL B 159 -8.66 -7.37 6.93
C VAL B 159 -8.86 -6.17 6.03
N SER B 160 -9.15 -5.01 6.63
CA SER B 160 -9.20 -3.74 5.86
C SER B 160 -8.94 -2.56 6.77
N THR B 161 -8.40 -1.51 6.16
CA THR B 161 -8.30 -0.15 6.73
C THR B 161 -9.69 0.48 6.68
N PRO B 162 -9.97 1.46 7.57
CA PRO B 162 -11.24 2.16 7.57
C PRO B 162 -11.56 2.65 6.16
N GLN B 163 -10.69 3.48 5.60
CA GLN B 163 -10.94 4.18 4.33
C GLN B 163 -11.00 3.18 3.16
N GLU B 164 -10.88 1.87 3.38
CA GLU B 164 -11.38 0.84 2.42
C GLU B 164 -12.78 0.44 2.86
N LEU B 165 -13.04 -0.85 3.12
CA LEU B 165 -14.13 -1.34 4.01
C LEU B 165 -15.51 -0.78 3.61
N THR B 166 -15.90 -1.04 2.36
CA THR B 166 -17.26 -0.82 1.80
C THR B 166 -18.07 -2.12 1.89
N ALA B 167 -19.40 -2.01 1.94
CA ALA B 167 -20.33 -3.13 1.74
C ALA B 167 -19.96 -3.84 0.44
N ALA B 168 -19.58 -3.11 -0.60
CA ALA B 168 -19.13 -3.71 -1.89
C ALA B 168 -18.11 -4.79 -1.53
N VAL B 169 -16.96 -4.38 -1.00
CA VAL B 169 -15.81 -5.25 -0.63
C VAL B 169 -16.36 -6.43 0.20
N VAL B 170 -16.99 -6.13 1.34
CA VAL B 170 -17.52 -7.13 2.30
C VAL B 170 -18.41 -8.16 1.57
N GLU B 171 -19.11 -7.76 0.52
CA GLU B 171 -20.05 -8.65 -0.20
C GLU B 171 -19.27 -9.48 -1.21
N LYS B 172 -18.23 -8.92 -1.85
CA LYS B 172 -17.33 -9.69 -2.74
C LYS B 172 -16.63 -10.76 -1.91
N ALA B 173 -16.46 -10.47 -0.61
CA ALA B 173 -15.80 -11.33 0.39
C ALA B 173 -16.72 -12.48 0.82
N ILE B 174 -17.95 -12.15 1.23
CA ILE B 174 -18.99 -13.15 1.62
C ILE B 174 -19.30 -14.05 0.42
N THR B 175 -19.34 -13.48 -0.79
CA THR B 175 -19.62 -14.20 -2.06
C THR B 175 -18.47 -15.15 -2.36
N MSE B 176 -17.22 -14.67 -2.30
CA MSE B 176 -16.05 -15.52 -2.50
C MSE B 176 -16.07 -16.73 -1.54
O MSE B 176 -15.90 -17.87 -1.97
CB MSE B 176 -14.78 -14.70 -2.30
CG MSE B 176 -13.49 -15.50 -2.50
SE MSE B 176 -11.88 -14.41 -2.87
CE MSE B 176 -12.52 -13.18 -4.26
N ALA B 177 -16.27 -16.45 -0.25
CA ALA B 177 -16.38 -17.48 0.77
C ALA B 177 -17.48 -18.51 0.43
N GLU B 178 -18.53 -18.11 -0.31
CA GLU B 178 -19.62 -19.03 -0.78
C GLU B 178 -19.01 -20.13 -1.65
N GLN B 179 -18.10 -19.76 -2.56
CA GLN B 179 -17.59 -20.62 -3.67
C GLN B 179 -16.93 -21.89 -3.10
N THR B 180 -16.52 -21.87 -1.83
CA THR B 180 -15.86 -23.00 -1.12
C THR B 180 -16.60 -23.34 0.17
N LYS B 181 -17.75 -22.72 0.43
CA LYS B 181 -18.54 -22.87 1.67
C LYS B 181 -17.66 -22.65 2.89
N THR B 182 -17.21 -21.41 3.13
CA THR B 182 -16.39 -21.02 4.31
C THR B 182 -17.12 -19.93 5.10
N ALA B 183 -17.19 -20.07 6.43
CA ALA B 183 -17.79 -19.07 7.32
C ALA B 183 -16.89 -17.82 7.34
N VAL B 184 -17.49 -16.64 7.28
CA VAL B 184 -16.76 -15.36 7.47
C VAL B 184 -16.79 -15.02 8.96
N LEU B 185 -15.67 -15.26 9.63
CA LEU B 185 -15.59 -15.30 11.11
C LEU B 185 -15.51 -13.89 11.67
N GLY B 186 -14.86 -12.97 10.96
CA GLY B 186 -14.55 -11.66 11.53
C GLY B 186 -14.17 -10.62 10.49
N ILE B 187 -14.37 -9.35 10.85
CA ILE B 187 -13.73 -8.17 10.21
C ILE B 187 -12.71 -7.59 11.19
N VAL B 188 -11.54 -7.27 10.65
CA VAL B 188 -10.44 -6.54 11.33
C VAL B 188 -10.28 -5.20 10.61
N GLU B 189 -10.53 -4.12 11.36
CA GLU B 189 -10.31 -2.71 10.97
C GLU B 189 -8.88 -2.34 11.38
N ASN B 190 -7.92 -2.47 10.48
CA ASN B 190 -6.47 -2.26 10.79
C ASN B 190 -6.05 -0.82 10.56
N MSE B 191 -5.33 -0.26 11.54
CA MSE B 191 -4.92 1.12 11.48
C MSE B 191 -6.18 1.97 11.45
O MSE B 191 -6.43 2.72 10.52
CB MSE B 191 -4.01 1.39 10.28
CG MSE B 191 -2.69 0.65 10.38
SE MSE B 191 -1.63 0.65 8.73
CE MSE B 191 -2.13 -0.71 7.40
N ALA B 192 -6.98 1.83 12.50
CA ALA B 192 -8.24 2.52 12.59
C ALA B 192 -8.04 3.84 13.33
N TYR B 193 -7.23 3.83 14.39
CA TYR B 193 -7.01 5.02 15.24
C TYR B 193 -5.54 5.12 15.64
N PHE B 194 -5.23 6.09 16.48
CA PHE B 194 -3.92 6.25 17.15
C PHE B 194 -4.17 6.65 18.59
N GLU B 195 -3.39 6.09 19.52
CA GLU B 195 -3.44 6.36 20.99
C GLU B 195 -2.14 7.05 21.41
N CYS B 196 -2.17 8.35 21.62
CA CYS B 196 -1.04 9.16 22.17
C CYS B 196 -0.51 8.47 23.43
N PRO B 197 0.79 8.10 23.46
CA PRO B 197 1.36 7.42 24.64
C PRO B 197 1.60 8.38 25.80
N ASN B 198 1.61 9.67 25.51
CA ASN B 198 1.75 10.76 26.52
C ASN B 198 0.48 10.82 27.36
N CYS B 199 -0.68 11.00 26.73
CA CYS B 199 -1.97 11.35 27.40
C CYS B 199 -3.09 10.35 27.09
N GLY B 200 -2.77 9.24 26.41
CA GLY B 200 -3.73 8.18 26.04
C GLY B 200 -4.94 8.68 25.27
N GLU B 201 -4.87 9.87 24.69
CA GLU B 201 -5.90 10.39 23.74
C GLU B 201 -5.94 9.46 22.51
N ARG B 202 -7.14 9.16 22.01
CA ARG B 202 -7.27 8.45 20.71
C ARG B 202 -7.77 9.44 19.66
N THR B 203 -7.22 9.34 18.47
CA THR B 203 -7.62 10.11 17.29
C THR B 203 -7.99 9.07 16.24
N TYR B 204 -9.24 9.09 15.79
CA TYR B 204 -9.84 8.04 14.92
C TYR B 204 -9.68 8.50 13.47
N LEU B 205 -9.07 7.66 12.64
CA LEU B 205 -8.90 7.98 11.20
C LEU B 205 -10.27 7.94 10.55
N PHE B 206 -10.53 8.87 9.63
CA PHE B 206 -11.78 9.00 8.82
C PHE B 206 -12.20 7.64 8.26
N GLY B 207 -13.46 7.28 8.53
CA GLY B 207 -14.09 6.02 8.06
C GLY B 207 -14.09 4.96 9.14
N GLU B 208 -13.53 5.26 10.32
CA GLU B 208 -13.35 4.29 11.43
C GLU B 208 -14.73 4.05 12.08
N GLY B 209 -15.04 2.80 12.43
CA GLY B 209 -16.31 2.38 13.07
C GLY B 209 -17.22 1.63 12.10
N LYS B 210 -16.84 1.58 10.83
CA LYS B 210 -17.59 0.90 9.73
C LYS B 210 -17.60 -0.62 9.93
N ALA B 211 -16.51 -1.20 10.46
CA ALA B 211 -16.36 -2.67 10.63
C ALA B 211 -17.53 -3.24 11.43
N SER B 212 -17.86 -2.57 12.54
CA SER B 212 -18.91 -2.98 13.51
C SER B 212 -20.29 -2.87 12.85
N GLU B 213 -20.52 -1.79 12.11
CA GLU B 213 -21.81 -1.53 11.43
C GLU B 213 -22.00 -2.60 10.36
N LEU B 214 -20.99 -2.86 9.52
CA LEU B 214 -21.06 -3.87 8.43
C LEU B 214 -21.22 -5.26 9.06
N ALA B 215 -20.54 -5.53 10.17
CA ALA B 215 -20.63 -6.83 10.86
C ALA B 215 -22.08 -7.05 11.35
N ARG B 216 -22.62 -6.09 12.10
CA ARG B 216 -24.03 -6.07 12.54
C ARG B 216 -24.91 -6.29 11.31
N LYS B 217 -24.57 -5.65 10.19
CA LYS B 217 -25.38 -5.61 8.93
C LYS B 217 -25.45 -6.99 8.27
N TYR B 218 -24.32 -7.67 8.10
CA TYR B 218 -24.21 -8.98 7.42
C TYR B 218 -24.09 -10.12 8.45
N LYS B 219 -24.34 -9.83 9.73
CA LYS B 219 -24.44 -10.84 10.82
C LYS B 219 -23.11 -11.58 11.01
N ILE B 220 -21.99 -10.86 10.97
CA ILE B 220 -20.64 -11.37 11.35
C ILE B 220 -20.42 -11.12 12.83
N GLU B 221 -19.82 -12.10 13.52
CA GLU B 221 -19.90 -12.20 14.98
C GLU B 221 -18.67 -11.53 15.61
N PHE B 222 -17.54 -11.48 14.89
CA PHE B 222 -16.29 -10.87 15.43
C PHE B 222 -15.87 -9.62 14.65
N ILE B 223 -15.69 -8.54 15.40
CA ILE B 223 -15.09 -7.24 14.96
C ILE B 223 -13.83 -7.01 15.79
N THR B 224 -12.79 -6.38 15.22
CA THR B 224 -11.68 -5.80 16.03
C THR B 224 -11.07 -4.59 15.32
N GLU B 225 -10.81 -3.54 16.09
CA GLU B 225 -10.16 -2.31 15.59
C GLU B 225 -8.73 -2.23 16.13
N ILE B 226 -7.76 -2.48 15.25
CA ILE B 226 -6.31 -2.38 15.56
C ILE B 226 -5.85 -0.96 15.24
N PRO B 227 -5.26 -0.26 16.22
CA PRO B 227 -4.68 1.06 15.98
C PRO B 227 -3.39 0.98 15.16
N ILE B 228 -2.92 2.13 14.64
CA ILE B 228 -1.54 2.31 14.11
C ILE B 228 -0.62 2.27 15.33
N ASP B 229 0.19 1.23 15.43
CA ASP B 229 1.06 0.96 16.61
C ASP B 229 2.51 1.04 16.14
N SER B 230 3.23 2.06 16.63
CA SER B 230 4.69 2.25 16.43
C SER B 230 5.44 0.97 16.80
N ASP B 231 5.09 0.35 17.93
CA ASP B 231 5.76 -0.87 18.47
C ASP B 231 5.51 -2.05 17.51
N LEU B 232 4.30 -2.21 17.01
CA LEU B 232 3.98 -3.30 16.03
C LEU B 232 4.81 -3.09 14.77
N LEU B 233 5.05 -1.84 14.38
CA LEU B 233 5.87 -1.50 13.17
C LEU B 233 7.35 -1.84 13.46
N LYS B 234 7.84 -1.42 14.63
CA LYS B 234 9.22 -1.71 15.11
C LYS B 234 9.47 -3.21 14.98
N LEU B 235 8.67 -4.00 15.72
CA LEU B 235 8.91 -5.45 15.90
C LEU B 235 8.61 -6.18 14.59
N SER B 236 7.66 -5.69 13.80
CA SER B 236 7.38 -6.24 12.45
C SER B 236 8.70 -6.25 11.70
N ASP B 237 9.29 -5.06 11.60
CA ASP B 237 10.52 -4.76 10.83
C ASP B 237 11.65 -5.63 11.38
N LEU B 238 11.92 -5.55 12.68
CA LEU B 238 12.96 -6.34 13.39
C LEU B 238 12.73 -7.86 13.23
N GLY B 239 11.55 -8.30 12.77
CA GLY B 239 11.13 -9.72 12.69
C GLY B 239 10.97 -10.37 14.06
N ARG B 240 10.57 -9.60 15.07
CA ARG B 240 10.38 -10.06 16.46
C ARG B 240 8.89 -9.98 16.80
N VAL B 241 8.00 -10.28 15.84
CA VAL B 241 6.53 -10.07 16.00
C VAL B 241 5.97 -10.95 17.12
N GLU B 242 6.54 -12.15 17.32
CA GLU B 242 6.16 -13.11 18.39
C GLU B 242 6.26 -12.45 19.78
N GLU B 243 6.88 -11.27 19.91
CA GLU B 243 7.08 -10.62 21.23
C GLU B 243 6.10 -9.47 21.40
N TYR B 244 5.26 -9.23 20.40
CA TYR B 244 4.20 -8.20 20.45
C TYR B 244 3.21 -8.61 21.54
N GLU B 245 3.10 -7.78 22.56
CA GLU B 245 2.32 -8.09 23.79
C GLU B 245 0.82 -7.96 23.49
N PRO B 246 0.33 -6.83 22.91
CA PRO B 246 -1.12 -6.60 22.83
C PRO B 246 -1.80 -7.69 21.98
N ASP B 247 -2.87 -8.29 22.49
CA ASP B 247 -3.69 -9.29 21.75
C ASP B 247 -5.01 -8.64 21.31
N TRP B 248 -5.07 -8.21 20.04
CA TRP B 248 -6.29 -7.65 19.39
C TRP B 248 -7.28 -8.79 19.12
N PHE B 249 -6.88 -10.01 19.40
CA PHE B 249 -7.77 -11.19 19.30
C PHE B 249 -8.12 -11.71 20.70
N GLU B 250 -7.88 -10.93 21.79
CA GLU B 250 -8.32 -11.31 23.16
C GLU B 250 -9.64 -12.06 23.05
N PHE B 251 -10.63 -11.50 22.35
CA PHE B 251 -12.02 -12.00 22.30
C PHE B 251 -12.34 -12.67 20.95
N PHE B 252 -11.37 -13.23 20.22
CA PHE B 252 -11.69 -14.06 19.02
C PHE B 252 -12.48 -15.28 19.47
N PRO B 253 -13.70 -15.52 18.95
CA PRO B 253 -14.51 -16.66 19.41
C PRO B 253 -13.84 -18.05 19.28
N TYR B 254 -14.15 -18.94 20.24
CA TYR B 254 -13.79 -20.39 20.21
C TYR B 254 -14.18 -20.93 18.83
N LEU B 255 -13.50 -21.97 18.35
CA LEU B 255 -13.81 -22.60 17.04
C LEU B 255 -13.45 -24.08 17.13
N GLU B 256 -14.37 -24.92 17.59
CA GLU B 256 -14.31 -26.40 17.39
C GLU B 256 -13.21 -26.71 16.36
N HIS B 257 -12.06 -27.23 16.82
CA HIS B 257 -10.86 -27.51 15.98
C HIS B 257 -10.28 -28.91 16.26
N HIS B 258 -11.14 -29.92 16.39
CA HIS B 258 -10.76 -31.37 16.42
C HIS B 258 -10.53 -31.82 14.96
PB ADP C . 0.61 6.32 -3.79
O1B ADP C . 2.07 6.12 -3.50
O2B ADP C . 0.34 7.50 -4.66
O3B ADP C . -0.06 5.08 -4.31
PA ADP C . -1.32 7.65 -2.24
O1A ADP C . -0.91 9.03 -2.64
O2A ADP C . -2.47 7.04 -2.98
O3A ADP C . -0.05 6.71 -2.39
O5' ADP C . -1.59 7.60 -0.65
C5' ADP C . -1.94 6.34 0.01
C4' ADP C . -3.08 6.55 0.98
O4' ADP C . -2.58 7.16 2.20
C3' ADP C . -4.22 7.47 0.53
O3' ADP C . -5.43 7.09 1.17
C2' ADP C . -3.77 8.83 1.07
O2' ADP C . -4.79 9.80 1.14
C1' ADP C . -3.23 8.39 2.42
N9 ADP C . -2.23 9.27 2.98
C8 ADP C . -1.06 9.65 2.36
N7 ADP C . -0.32 10.43 3.10
C5 ADP C . -1.04 10.56 4.29
C6 ADP C . -0.77 11.25 5.49
N6 ADP C . 0.35 11.94 5.69
N1 ADP C . -1.68 11.15 6.48
C2 ADP C . -2.79 10.43 6.27
N3 ADP C . -3.16 9.75 5.17
C4 ADP C . -2.22 9.84 4.22
CO CO D . -1.73 13.30 23.80
PB ADP E . -0.66 -6.58 3.45
O1B ADP E . 0.40 -6.47 2.42
O2B ADP E . -2.02 -6.08 2.99
O3B ADP E . -0.73 -7.94 4.08
PA ADP E . 1.06 -5.81 5.53
O1A ADP E . 2.26 -5.99 4.66
O2A ADP E . 0.73 -6.90 6.49
O3A ADP E . -0.20 -5.58 4.59
O5' ADP E . 1.12 -4.40 6.31
C5' ADP E . 1.46 -3.19 5.60
C4' ADP E . 2.49 -2.41 6.39
O4' ADP E . 1.83 -1.72 7.49
C3' ADP E . 3.60 -3.21 7.06
O3' ADP E . 4.73 -2.37 7.24
C2' ADP E . 2.98 -3.51 8.43
O2' ADP E . 3.90 -3.95 9.41
C1' ADP E . 2.36 -2.15 8.71
N9 ADP E . 1.26 -2.19 9.65
C8 ADP E . 0.14 -2.98 9.55
N7 ADP E . -0.70 -2.77 10.52
C5 ADP E . -0.11 -1.80 11.32
C6 ADP E . -0.51 -1.15 12.49
N6 ADP E . -1.68 -1.37 13.09
N1 ADP E . 0.31 -0.20 13.00
C2 ADP E . 1.47 0.03 12.37
N3 ADP E . 1.95 -0.51 11.26
C4 ADP E . 1.11 -1.42 10.78
#